data_4Q1C
#
_entry.id   4Q1C
#
_cell.length_a   68.661
_cell.length_b   68.661
_cell.length_c   119.277
_cell.angle_alpha   90.00
_cell.angle_beta   90.00
_cell.angle_gamma   90.00
#
_symmetry.space_group_name_H-M   'P 41'
#
loop_
_entity.id
_entity.type
_entity.pdbx_description
1 polymer 'Deoxycytidine kinase'
2 non-polymer "2,2'-((4-(4-(((4,6-diaminopyrimidin-2-yl)thio)methyl)-5-propylthiazol-2-yl)-1,2-phenylene)bis(oxy))bis(ethan-1-ol)"
3 non-polymer "URIDINE-5'-DIPHOSPHATE"
4 water water
#
_entity_poly.entity_id   1
_entity_poly.type   'polypeptide(L)'
_entity_poly.pdbx_seq_one_letter_code
;MGSSHHHHHHSSGLVPRGSHMATPPKRSSPSFSASSEGTRIKKISIEGNIAAGKSTFVNILKQLSEDWEVVPEPVARWSN
VQSTQDEFEELTMEQKNGGNVLQMMYEKPERWSFTFQTYACLSRIRAQLASLNGKLKDAEKPVLFFERSVYSDRYIFASN
LYESESMNETEWTIYQDWHDWMNNQFGQSLELDGIIYLQATPETCLHRIYLRGRNEEQGIPLEYLEKLHYKHESWLLHRT
LKTNFDYLQEVPILTLDVNEDFKDKYESLVEKVKEFLSTL
;
_entity_poly.pdbx_strand_id   A,B
#
loop_
_chem_comp.id
_chem_comp.type
_chem_comp.name
_chem_comp.formula
2XM non-polymer 2,2'-((4-(4-(((4,6-diaminopyrimidin-2-yl)thio)methyl)-5-propylthiazol-2-yl)-1,2-phenylene)bis(oxy))bis(ethan-1-ol) 'C21 H27 N5 O4 S2'
UDP RNA linking URIDINE-5'-DIPHOSPHATE 'C9 H14 N2 O12 P2'
#
# COMPACT_ATOMS: atom_id res chain seq x y z
N ARG A 40 -11.71 23.60 -4.89
CA ARG A 40 -12.78 24.44 -4.27
C ARG A 40 -13.84 23.61 -3.56
N ILE A 41 -13.87 22.30 -3.80
CA ILE A 41 -14.67 21.38 -2.98
C ILE A 41 -14.23 21.48 -1.53
N LYS A 42 -15.20 21.52 -0.62
CA LYS A 42 -14.93 21.50 0.82
C LYS A 42 -15.11 20.07 1.33
N LYS A 43 -14.18 19.62 2.17
CA LYS A 43 -14.09 18.23 2.61
C LYS A 43 -14.26 18.12 4.13
N ILE A 44 -15.40 17.60 4.55
CA ILE A 44 -15.76 17.49 5.95
C ILE A 44 -15.82 16.00 6.28
N SER A 45 -15.10 15.58 7.32
CA SER A 45 -15.12 14.18 7.77
C SER A 45 -16.19 13.95 8.83
N ILE A 46 -17.06 12.99 8.59
CA ILE A 46 -18.02 12.56 9.58
C ILE A 46 -17.42 11.39 10.38
N GLU A 47 -17.31 11.56 11.70
CA GLU A 47 -16.57 10.62 12.55
C GLU A 47 -17.37 10.20 13.77
N GLY A 48 -17.23 8.94 14.14
CA GLY A 48 -17.86 8.38 15.32
C GLY A 48 -17.83 6.87 15.36
N ASN A 49 -18.47 6.31 16.38
CA ASN A 49 -18.30 4.89 16.66
C ASN A 49 -19.18 4.03 15.77
N ILE A 50 -19.01 2.73 15.89
CA ILE A 50 -19.73 1.74 15.12
C ILE A 50 -21.23 1.86 15.48
N ALA A 51 -22.04 2.30 14.53
CA ALA A 51 -23.48 2.40 14.71
C ALA A 51 -23.92 3.58 15.59
N ALA A 52 -23.07 4.60 15.66
CA ALA A 52 -23.48 5.89 16.23
C ALA A 52 -24.59 6.58 15.37
N GLY A 53 -24.54 6.36 14.06
CA GLY A 53 -25.47 7.03 13.11
C GLY A 53 -24.88 7.76 11.91
N LYS A 54 -23.63 7.42 11.55
CA LYS A 54 -22.89 8.20 10.53
C LYS A 54 -23.57 8.05 9.17
N SER A 55 -23.78 6.80 8.78
CA SER A 55 -24.40 6.44 7.52
C SER A 55 -25.79 7.09 7.38
N THR A 56 -26.49 7.23 8.50
CA THR A 56 -27.86 7.79 8.49
C THR A 56 -27.87 9.32 8.28
N PHE A 57 -27.03 10.00 9.05
CA PHE A 57 -26.89 11.45 8.98
C PHE A 57 -26.35 11.91 7.63
N VAL A 58 -25.35 11.19 7.17
CA VAL A 58 -24.80 11.36 5.82
C VAL A 58 -25.91 11.18 4.74
N ASN A 59 -26.82 10.23 4.92
CA ASN A 59 -27.89 10.14 3.94
C ASN A 59 -29.01 11.16 4.13
N ILE A 60 -29.07 11.78 5.30
CA ILE A 60 -29.95 12.93 5.52
C ILE A 60 -29.36 14.15 4.80
N LEU A 61 -28.14 14.52 5.20
CA LEU A 61 -27.44 15.68 4.65
C LEU A 61 -27.49 15.74 3.11
N LYS A 62 -27.10 14.64 2.47
CA LYS A 62 -26.89 14.66 1.03
C LYS A 62 -28.10 15.24 0.28
N GLN A 63 -29.30 14.80 0.66
CA GLN A 63 -30.57 15.24 0.03
C GLN A 63 -30.95 16.72 0.21
N LEU A 64 -30.31 17.39 1.15
CA LEU A 64 -30.66 18.75 1.51
C LEU A 64 -30.10 19.84 0.59
N SER A 65 -29.11 19.50 -0.22
CA SER A 65 -28.65 20.40 -1.29
C SER A 65 -27.83 19.74 -2.39
N GLU A 66 -27.95 20.28 -3.62
CA GLU A 66 -27.19 19.80 -4.79
C GLU A 66 -25.70 20.14 -4.67
N ASP A 67 -25.34 20.99 -3.71
CA ASP A 67 -23.94 21.25 -3.42
C ASP A 67 -23.32 20.26 -2.42
N TRP A 68 -24.14 19.36 -1.89
CA TRP A 68 -23.67 18.44 -0.85
C TRP A 68 -23.65 17.01 -1.39
N GLU A 69 -22.49 16.37 -1.34
CA GLU A 69 -22.42 14.94 -1.58
C GLU A 69 -21.48 14.27 -0.58
N VAL A 70 -21.57 12.94 -0.58
CA VAL A 70 -21.01 12.06 0.45
C VAL A 70 -20.14 10.98 -0.17
N VAL A 71 -19.10 10.52 0.54
CA VAL A 71 -18.34 9.33 0.16
C VAL A 71 -18.53 8.24 1.22
N PRO A 72 -19.40 7.24 0.95
CA PRO A 72 -19.60 6.20 1.97
C PRO A 72 -18.28 5.44 2.23
N GLU A 73 -18.12 4.98 3.44
CA GLU A 73 -16.86 4.28 3.83
C GLU A 73 -16.85 2.88 3.23
N PRO A 74 -15.74 2.49 2.55
CA PRO A 74 -15.66 1.14 1.98
C PRO A 74 -16.13 0.03 2.89
N VAL A 75 -15.61 0.00 4.12
CA VAL A 75 -15.88 -1.12 5.04
C VAL A 75 -17.40 -1.37 5.26
N ALA A 76 -18.21 -0.33 5.19
CA ALA A 76 -19.62 -0.52 5.42
C ALA A 76 -20.30 -1.21 4.23
N ARG A 77 -19.80 -1.00 3.03
CA ARG A 77 -20.35 -1.66 1.84
C ARG A 77 -19.91 -3.14 1.79
N TRP A 78 -18.75 -3.43 2.39
CA TRP A 78 -18.25 -4.81 2.44
C TRP A 78 -19.13 -5.63 3.39
N SER A 79 -19.85 -4.94 4.29
CA SER A 79 -20.92 -5.54 5.13
C SER A 79 -22.10 -4.60 5.18
N LEU A 91 -19.82 -9.12 -7.25
CA LEU A 91 -19.93 -8.02 -8.19
C LEU A 91 -18.54 -7.41 -8.42
N THR A 92 -18.29 -6.20 -7.93
CA THR A 92 -16.93 -5.67 -7.96
C THR A 92 -15.99 -6.66 -7.28
N MET A 93 -14.74 -6.70 -7.74
CA MET A 93 -13.72 -7.50 -7.10
C MET A 93 -13.30 -6.93 -5.73
N GLU A 94 -13.26 -5.59 -5.61
CA GLU A 94 -13.07 -4.94 -4.31
C GLU A 94 -14.07 -5.45 -3.26
N GLN A 95 -15.34 -5.62 -3.62
CA GLN A 95 -16.35 -6.22 -2.70
C GLN A 95 -15.98 -7.63 -2.32
N LYS A 96 -15.58 -8.42 -3.30
CA LYS A 96 -15.25 -9.82 -3.05
C LYS A 96 -14.13 -9.87 -2.04
N ASN A 97 -13.01 -9.20 -2.36
CA ASN A 97 -11.90 -9.04 -1.42
C ASN A 97 -12.34 -8.45 -0.09
N GLY A 98 -13.21 -7.45 -0.18
CA GLY A 98 -13.69 -6.78 1.02
C GLY A 98 -14.53 -7.68 1.90
N GLY A 99 -15.58 -8.27 1.33
CA GLY A 99 -16.40 -9.25 2.04
C GLY A 99 -15.55 -10.38 2.61
N ASN A 100 -14.56 -10.82 1.82
CA ASN A 100 -13.68 -11.90 2.26
C ASN A 100 -12.79 -11.53 3.43
N VAL A 101 -12.02 -10.45 3.32
CA VAL A 101 -11.07 -10.12 4.37
C VAL A 101 -11.73 -9.61 5.66
N LEU A 102 -12.93 -9.06 5.55
CA LEU A 102 -13.68 -8.59 6.69
C LEU A 102 -14.13 -9.78 7.53
N GLN A 103 -14.64 -10.78 6.84
CA GLN A 103 -15.04 -12.02 7.48
C GLN A 103 -13.82 -12.70 8.16
N MET A 104 -12.65 -12.68 7.49
CA MET A 104 -11.41 -13.26 8.04
CA MET A 104 -11.45 -13.27 8.07
C MET A 104 -11.04 -12.48 9.30
N MET A 105 -11.15 -11.16 9.21
CA MET A 105 -10.87 -10.27 10.31
C MET A 105 -11.78 -10.53 11.53
N TYR A 106 -13.05 -10.86 11.27
CA TYR A 106 -13.96 -11.23 12.35
C TYR A 106 -13.43 -12.51 13.02
N GLU A 107 -13.22 -13.54 12.21
CA GLU A 107 -12.65 -14.81 12.68
C GLU A 107 -11.31 -14.73 13.37
N LYS A 108 -10.34 -14.07 12.75
CA LYS A 108 -8.98 -14.08 13.27
C LYS A 108 -8.25 -12.73 13.15
N PRO A 109 -8.53 -11.80 14.08
CA PRO A 109 -7.98 -10.43 13.96
C PRO A 109 -6.46 -10.30 14.17
N GLU A 110 -5.89 -11.15 15.03
CA GLU A 110 -4.44 -11.18 15.25
C GLU A 110 -3.67 -11.54 14.00
N ARG A 111 -4.25 -12.38 13.16
CA ARG A 111 -3.76 -12.70 11.83
C ARG A 111 -4.06 -11.63 10.74
N TRP A 112 -5.22 -10.97 10.78
CA TRP A 112 -5.71 -10.25 9.61
C TRP A 112 -5.80 -8.73 9.64
N SER A 113 -5.49 -8.11 10.77
CA SER A 113 -5.75 -6.70 10.96
C SER A 113 -4.89 -5.78 10.09
N PHE A 114 -3.63 -6.15 9.85
CA PHE A 114 -2.75 -5.34 9.00
C PHE A 114 -3.29 -5.34 7.58
N THR A 115 -3.56 -6.54 7.11
CA THR A 115 -4.07 -6.76 5.80
C THR A 115 -5.42 -6.06 5.61
N PHE A 116 -6.27 -6.15 6.63
CA PHE A 116 -7.54 -5.45 6.66
C PHE A 116 -7.33 -3.94 6.64
N GLN A 117 -6.54 -3.44 7.59
CA GLN A 117 -6.26 -2.03 7.69
C GLN A 117 -5.72 -1.47 6.39
N THR A 118 -4.83 -2.23 5.75
CA THR A 118 -4.20 -1.73 4.52
C THR A 118 -5.23 -1.60 3.41
N TYR A 119 -6.06 -2.62 3.21
CA TYR A 119 -7.02 -2.58 2.10
C TYR A 119 -8.21 -1.63 2.34
N ALA A 120 -8.59 -1.44 3.59
CA ALA A 120 -9.66 -0.47 3.92
C ALA A 120 -9.22 1.00 3.70
N CYS A 121 -7.98 1.32 4.07
CA CYS A 121 -7.46 2.65 3.84
C CYS A 121 -7.27 2.95 2.36
N LEU A 122 -6.67 2.00 1.63
CA LEU A 122 -6.48 2.11 0.18
C LEU A 122 -7.81 2.36 -0.54
N SER A 123 -8.83 1.56 -0.22
CA SER A 123 -10.14 1.69 -0.83
C SER A 123 -10.76 3.06 -0.50
N ARG A 124 -10.59 3.51 0.73
CA ARG A 124 -11.00 4.83 1.12
C ARG A 124 -10.36 5.92 0.26
N ILE A 125 -9.05 5.97 0.25
CA ILE A 125 -8.33 6.99 -0.52
C ILE A 125 -8.80 6.93 -1.95
N ARG A 126 -8.75 5.74 -2.52
CA ARG A 126 -9.26 5.55 -3.86
C ARG A 126 -10.63 6.21 -4.01
N ALA A 127 -11.61 5.75 -3.22
CA ALA A 127 -13.00 6.15 -3.36
C ALA A 127 -13.24 7.62 -3.14
N GLN A 128 -12.48 8.24 -2.22
CA GLN A 128 -12.56 9.69 -1.99
C GLN A 128 -12.06 10.47 -3.21
N LEU A 129 -10.95 10.03 -3.80
CA LEU A 129 -10.45 10.59 -5.09
C LEU A 129 -11.51 10.54 -6.20
N ALA A 130 -12.06 9.36 -6.47
CA ALA A 130 -13.16 9.21 -7.45
C ALA A 130 -14.31 10.20 -7.23
N SER A 131 -14.61 10.54 -5.97
CA SER A 131 -15.67 11.50 -5.65
C SER A 131 -15.25 12.94 -5.86
N LEU A 132 -14.05 13.27 -5.44
CA LEU A 132 -13.51 14.62 -5.52
C LEU A 132 -13.17 15.07 -6.96
N ASN A 133 -12.69 14.15 -7.78
CA ASN A 133 -12.37 14.46 -9.20
C ASN A 133 -13.49 14.05 -10.14
N GLY A 134 -14.55 13.48 -9.57
CA GLY A 134 -15.77 13.24 -10.29
C GLY A 134 -16.67 14.43 -10.06
N LYS A 135 -17.72 14.22 -9.25
CA LYS A 135 -18.86 15.16 -9.07
C LYS A 135 -18.49 16.53 -8.49
N LEU A 136 -19.49 17.43 -8.41
CA LEU A 136 -19.36 18.80 -7.87
C LEU A 136 -18.60 19.80 -8.77
N LYS A 137 -18.57 19.50 -10.07
CA LYS A 137 -17.98 20.42 -11.03
C LYS A 137 -18.81 21.70 -11.11
N ASP A 138 -20.13 21.55 -11.07
CA ASP A 138 -21.07 22.67 -11.28
C ASP A 138 -21.53 23.40 -10.01
N ALA A 139 -21.47 22.73 -8.85
CA ALA A 139 -21.98 23.33 -7.60
C ALA A 139 -21.26 24.65 -7.28
N GLU A 140 -22.02 25.60 -6.75
CA GLU A 140 -21.48 26.92 -6.41
C GLU A 140 -20.92 26.88 -5.00
N LYS A 141 -21.47 26.01 -4.14
CA LYS A 141 -21.00 25.88 -2.77
C LYS A 141 -20.69 24.40 -2.41
N PRO A 142 -19.76 23.77 -3.14
CA PRO A 142 -19.60 22.33 -3.04
C PRO A 142 -19.04 21.87 -1.69
N VAL A 143 -19.70 20.86 -1.12
CA VAL A 143 -19.27 20.24 0.13
C VAL A 143 -19.24 18.74 -0.11
N LEU A 144 -18.12 18.13 0.25
CA LEU A 144 -17.98 16.68 0.26
C LEU A 144 -17.89 16.22 1.72
N PHE A 145 -18.84 15.36 2.11
CA PHE A 145 -18.88 14.71 3.41
C PHE A 145 -18.37 13.27 3.26
N PHE A 146 -17.23 13.00 3.87
CA PHE A 146 -16.64 11.67 3.93
C PHE A 146 -17.12 10.97 5.19
N GLU A 147 -17.51 9.71 5.06
CA GLU A 147 -17.83 8.86 6.20
C GLU A 147 -16.49 8.26 6.72
N ARG A 148 -15.99 8.88 7.79
CA ARG A 148 -14.68 8.60 8.38
C ARG A 148 -13.53 9.12 7.49
N SER A 149 -12.30 8.86 7.88
CA SER A 149 -11.12 9.42 7.24
C SER A 149 -9.93 8.47 7.29
N VAL A 150 -8.80 8.89 6.71
CA VAL A 150 -7.59 8.09 6.79
C VAL A 150 -7.00 8.23 8.18
N TYR A 151 -7.41 9.28 8.90
CA TYR A 151 -7.01 9.48 10.28
C TYR A 151 -7.79 8.57 11.23
N SER A 152 -9.05 8.30 10.92
CA SER A 152 -9.86 7.30 11.62
C SER A 152 -9.19 5.96 11.53
N ASP A 153 -8.91 5.57 10.29
CA ASP A 153 -8.31 4.28 9.97
C ASP A 153 -7.10 3.98 10.81
N ARG A 154 -6.25 4.99 10.92
CA ARG A 154 -5.02 4.90 11.63
C ARG A 154 -5.15 5.08 13.17
N TYR A 155 -5.71 6.19 13.62
CA TYR A 155 -5.65 6.63 15.02
C TYR A 155 -6.81 6.15 15.88
N ILE A 156 -7.81 5.52 15.27
CA ILE A 156 -8.82 4.75 15.98
C ILE A 156 -8.54 3.25 15.79
N PHE A 157 -8.75 2.77 14.59
CA PHE A 157 -8.86 1.36 14.31
C PHE A 157 -7.52 0.62 14.30
N ALA A 158 -6.56 1.10 13.55
CA ALA A 158 -5.23 0.49 13.49
C ALA A 158 -4.55 0.53 14.85
N SER A 159 -4.37 1.74 15.38
CA SER A 159 -3.87 1.94 16.74
C SER A 159 -4.53 1.04 17.82
N ASN A 160 -5.87 0.90 17.77
CA ASN A 160 -6.61 0.00 18.72
C ASN A 160 -6.25 -1.45 18.44
N LEU A 161 -6.06 -1.77 17.17
CA LEU A 161 -5.64 -3.13 16.85
C LEU A 161 -4.21 -3.34 17.34
N TYR A 162 -3.36 -2.32 17.21
CA TYR A 162 -1.99 -2.44 17.69
C TYR A 162 -1.99 -2.53 19.24
N GLU A 163 -2.72 -1.63 19.87
CA GLU A 163 -2.86 -1.63 21.33
C GLU A 163 -3.55 -2.86 21.90
N SER A 164 -4.39 -3.51 21.13
CA SER A 164 -4.99 -4.77 21.54
C SER A 164 -4.19 -6.01 21.14
N GLU A 165 -3.00 -5.81 20.53
CA GLU A 165 -2.08 -6.90 20.16
C GLU A 165 -2.62 -7.78 19.03
N SER A 166 -3.44 -7.20 18.15
CA SER A 166 -3.91 -7.89 16.96
C SER A 166 -3.05 -7.52 15.73
N MET A 167 -2.29 -6.46 15.82
CA MET A 167 -1.12 -6.26 14.97
C MET A 167 0.08 -6.30 15.90
N ASN A 168 1.26 -6.64 15.36
CA ASN A 168 2.50 -6.56 16.15
C ASN A 168 3.29 -5.28 15.85
N GLU A 169 4.32 -5.01 16.66
CA GLU A 169 5.15 -3.81 16.50
C GLU A 169 5.66 -3.52 15.08
N THR A 170 5.99 -4.58 14.34
CA THR A 170 6.45 -4.47 12.97
C THR A 170 5.29 -4.29 11.98
N GLU A 171 4.20 -5.04 12.13
CA GLU A 171 3.00 -4.76 11.29
C GLU A 171 2.53 -3.34 11.45
N TRP A 172 2.45 -2.88 12.69
CA TRP A 172 1.97 -1.54 12.95
C TRP A 172 3.01 -0.50 12.48
N THR A 173 4.32 -0.77 12.62
CA THR A 173 5.32 0.23 12.17
C THR A 173 5.37 0.30 10.64
N ILE A 174 5.22 -0.85 10.00
CA ILE A 174 5.13 -0.94 8.56
C ILE A 174 3.85 -0.21 8.07
N TYR A 175 2.74 -0.38 8.77
CA TYR A 175 1.50 0.27 8.35
C TYR A 175 1.60 1.78 8.46
N GLN A 176 2.21 2.25 9.54
CA GLN A 176 2.39 3.65 9.74
C GLN A 176 3.28 4.26 8.68
N ASP A 177 4.36 3.56 8.33
CA ASP A 177 5.24 4.01 7.26
C ASP A 177 4.47 4.09 5.93
N TRP A 178 3.82 2.99 5.56
CA TRP A 178 2.87 2.84 4.46
C TRP A 178 1.83 3.99 4.44
N HIS A 179 1.28 4.32 5.60
CA HIS A 179 0.23 5.35 5.75
C HIS A 179 0.83 6.73 5.52
N ASP A 180 1.95 7.02 6.19
CA ASP A 180 2.67 8.29 5.94
C ASP A 180 2.78 8.58 4.46
N TRP A 181 3.17 7.55 3.71
CA TRP A 181 3.61 7.71 2.32
C TRP A 181 2.50 7.65 1.28
N MET A 182 1.50 6.83 1.56
CA MET A 182 0.39 6.63 0.67
C MET A 182 -0.50 7.88 0.58
N ASN A 183 -0.71 8.52 1.71
CA ASN A 183 -1.39 9.81 1.74
C ASN A 183 -0.58 10.93 1.08
N ASN A 184 0.72 10.86 1.20
CA ASN A 184 1.53 11.95 0.66
C ASN A 184 1.86 11.82 -0.82
N GLN A 185 1.93 10.60 -1.34
CA GLN A 185 2.05 10.43 -2.79
C GLN A 185 0.71 10.64 -3.49
N PHE A 186 -0.38 10.11 -2.92
CA PHE A 186 -1.68 10.16 -3.61
C PHE A 186 -2.81 10.88 -2.87
N GLY A 187 -2.64 11.14 -1.58
CA GLY A 187 -3.78 11.52 -0.72
C GLY A 187 -3.80 12.93 -0.23
N GLN A 188 -3.19 13.82 -1.01
CA GLN A 188 -2.84 15.15 -0.57
C GLN A 188 -3.97 16.14 -0.72
N SER A 189 -4.71 16.02 -1.82
CA SER A 189 -5.91 16.82 -2.04
C SER A 189 -7.12 16.25 -1.28
N LEU A 190 -6.91 15.19 -0.51
CA LEU A 190 -7.94 14.72 0.40
C LEU A 190 -7.89 15.48 1.74
N GLU A 191 -6.91 16.36 1.92
CA GLU A 191 -6.84 17.20 3.10
C GLU A 191 -8.23 17.74 3.50
N LEU A 192 -8.50 17.74 4.81
CA LEU A 192 -9.82 18.05 5.37
C LEU A 192 -9.88 19.48 5.87
N ASP A 193 -11.06 20.11 5.71
CA ASP A 193 -11.39 21.45 6.26
C ASP A 193 -12.04 21.37 7.64
N GLY A 194 -12.86 20.35 7.83
CA GLY A 194 -13.48 20.14 9.14
C GLY A 194 -13.72 18.68 9.49
N ILE A 195 -14.14 18.48 10.73
CA ILE A 195 -14.58 17.17 11.24
C ILE A 195 -15.86 17.35 12.03
N ILE A 196 -16.84 16.48 11.78
CA ILE A 196 -18.08 16.39 12.59
C ILE A 196 -18.16 15.05 13.35
N TYR A 197 -18.04 15.12 14.68
CA TYR A 197 -18.16 13.99 15.57
C TYR A 197 -19.60 13.76 16.07
N LEU A 198 -20.17 12.64 15.63
CA LEU A 198 -21.45 12.16 16.11
C LEU A 198 -21.25 11.32 17.34
N GLN A 199 -21.57 11.89 18.51
CA GLN A 199 -21.22 11.27 19.77
C GLN A 199 -22.41 10.41 20.23
N ALA A 200 -22.11 9.14 20.51
CA ALA A 200 -23.09 8.15 20.94
C ALA A 200 -22.41 7.21 21.93
N THR A 201 -23.07 6.96 23.05
CA THR A 201 -22.47 6.14 24.06
C THR A 201 -22.23 4.72 23.58
N PRO A 202 -21.28 4.01 24.22
CA PRO A 202 -21.12 2.62 23.80
C PRO A 202 -22.45 1.86 23.83
N GLU A 203 -23.37 2.31 24.68
CA GLU A 203 -24.64 1.62 24.90
C GLU A 203 -25.55 1.80 23.71
N THR A 204 -25.71 3.06 23.32
CA THR A 204 -26.44 3.45 22.10
C THR A 204 -26.15 2.52 20.89
N CYS A 205 -24.87 2.34 20.62
CA CYS A 205 -24.44 1.60 19.43
C CYS A 205 -24.86 0.13 19.39
N LEU A 206 -24.85 -0.54 20.54
CA LEU A 206 -25.02 -1.98 20.63
C LEU A 206 -26.45 -2.28 20.29
N HIS A 207 -27.34 -1.51 20.92
CA HIS A 207 -28.71 -1.45 20.49
C HIS A 207 -28.86 -1.18 19.00
N ARG A 208 -28.22 -0.11 18.50
CA ARG A 208 -28.31 0.30 17.09
C ARG A 208 -27.68 -0.82 16.23
N ILE A 209 -26.52 -1.35 16.66
CA ILE A 209 -25.98 -2.53 16.03
C ILE A 209 -27.08 -3.60 15.99
N TYR A 210 -27.79 -3.83 17.08
CA TYR A 210 -28.88 -4.83 17.07
C TYR A 210 -30.00 -4.38 16.13
N LEU A 211 -30.29 -3.08 16.11
CA LEU A 211 -31.30 -2.52 15.21
C LEU A 211 -30.96 -2.74 13.74
N ARG A 212 -29.69 -2.61 13.36
CA ARG A 212 -29.32 -2.74 11.96
C ARG A 212 -29.19 -4.21 11.61
N GLY A 213 -28.87 -5.01 12.62
CA GLY A 213 -29.14 -6.44 12.60
C GLY A 213 -28.25 -7.34 11.77
N ARG A 214 -27.06 -6.85 11.40
CA ARG A 214 -26.07 -7.64 10.67
C ARG A 214 -25.53 -8.77 11.56
N ASN A 215 -25.38 -9.95 10.97
CA ASN A 215 -25.18 -11.17 11.76
C ASN A 215 -23.83 -11.20 12.41
N GLU A 216 -22.87 -10.55 11.75
CA GLU A 216 -21.48 -10.51 12.11
C GLU A 216 -21.30 -9.57 13.28
N GLU A 217 -22.05 -8.47 13.22
CA GLU A 217 -21.91 -7.39 14.19
C GLU A 217 -22.40 -7.74 15.60
N GLN A 218 -23.48 -8.52 15.68
CA GLN A 218 -24.12 -8.90 16.95
C GLN A 218 -23.15 -9.51 18.00
N GLY A 219 -22.12 -10.20 17.50
CA GLY A 219 -21.04 -10.74 18.35
C GLY A 219 -20.03 -9.71 18.87
N ILE A 220 -20.13 -8.47 18.41
CA ILE A 220 -19.17 -7.42 18.85
C ILE A 220 -19.52 -6.99 20.28
N PRO A 221 -18.53 -7.00 21.19
CA PRO A 221 -18.80 -6.76 22.60
C PRO A 221 -18.81 -5.29 22.98
N LEU A 222 -19.66 -4.92 23.94
CA LEU A 222 -19.65 -3.55 24.55
C LEU A 222 -18.23 -3.09 24.89
N GLU A 223 -17.37 -4.05 25.17
CA GLU A 223 -15.98 -3.81 25.57
C GLU A 223 -15.17 -3.19 24.42
N TYR A 224 -15.41 -3.69 23.20
CA TYR A 224 -14.88 -3.09 21.96
C TYR A 224 -15.42 -1.69 21.72
N LEU A 225 -16.72 -1.48 21.87
CA LEU A 225 -17.29 -0.11 21.68
C LEU A 225 -16.69 0.84 22.68
N GLU A 226 -16.42 0.32 23.87
CA GLU A 226 -15.75 1.11 24.93
C GLU A 226 -14.38 1.68 24.53
N LYS A 227 -13.47 0.87 23.99
CA LYS A 227 -12.10 1.35 23.67
C LYS A 227 -12.01 2.30 22.48
N LEU A 228 -12.80 2.00 21.46
CA LEU A 228 -12.94 2.85 20.27
C LEU A 228 -13.73 4.07 20.69
N HIS A 229 -14.73 3.86 21.55
CA HIS A 229 -15.41 5.01 22.18
C HIS A 229 -14.40 5.93 22.86
N TYR A 230 -13.42 5.35 23.58
CA TYR A 230 -12.41 6.15 24.33
C TYR A 230 -11.35 6.84 23.45
N LYS A 231 -10.98 6.28 22.30
CA LYS A 231 -9.98 6.96 21.44
C LYS A 231 -10.53 8.12 20.63
N HIS A 232 -11.83 8.10 20.40
CA HIS A 232 -12.47 9.19 19.67
C HIS A 232 -12.38 10.50 20.46
N GLU A 233 -12.80 10.44 21.73
CA GLU A 233 -12.72 11.60 22.67
C GLU A 233 -11.37 12.28 22.71
N SER A 234 -10.32 11.50 22.92
CA SER A 234 -9.00 12.07 23.06
C SER A 234 -8.53 12.71 21.76
N TRP A 235 -8.86 12.10 20.63
CA TRP A 235 -8.55 12.70 19.33
C TRP A 235 -9.31 14.01 19.13
N LEU A 236 -10.62 14.01 19.38
CA LEU A 236 -11.47 15.10 18.92
C LEU A 236 -12.06 16.04 19.98
N LEU A 237 -11.93 15.70 21.28
CA LEU A 237 -12.42 16.56 22.37
C LEU A 237 -11.27 17.18 23.12
N HIS A 238 -10.53 16.36 23.85
CA HIS A 238 -9.36 16.81 24.59
C HIS A 238 -8.34 17.33 23.59
N ARG A 239 -8.36 16.74 22.39
CA ARG A 239 -7.29 16.87 21.41
C ARG A 239 -5.95 16.46 22.04
N THR A 240 -6.01 15.36 22.76
CA THR A 240 -4.82 14.67 23.28
C THR A 240 -3.87 14.21 22.16
N LEU A 241 -4.45 13.71 21.07
CA LEU A 241 -3.72 12.91 20.09
C LEU A 241 -2.62 13.65 19.35
N LYS A 242 -1.41 13.12 19.47
CA LYS A 242 -0.28 13.50 18.67
C LYS A 242 -0.46 12.86 17.29
N THR A 243 -0.19 13.64 16.25
CA THR A 243 -0.55 13.26 14.89
C THR A 243 0.51 13.77 13.94
N ASN A 244 0.94 12.88 13.05
CA ASN A 244 2.01 13.18 12.09
C ASN A 244 1.65 14.32 11.15
N PHE A 245 0.36 14.48 10.91
CA PHE A 245 -0.17 15.41 9.96
C PHE A 245 -0.54 16.70 10.74
N ASP A 246 0.41 17.63 10.83
CA ASP A 246 0.37 18.78 11.77
C ASP A 246 -0.82 19.72 11.52
N TYR A 247 -1.14 19.95 10.25
CA TYR A 247 -2.42 20.61 9.85
C TYR A 247 -3.65 19.96 10.49
N LEU A 248 -3.53 18.71 10.94
CA LEU A 248 -4.66 17.98 11.53
C LEU A 248 -4.97 18.43 12.97
N GLN A 249 -3.95 18.88 13.69
CA GLN A 249 -4.10 19.43 15.05
C GLN A 249 -4.74 20.83 15.07
N GLU A 250 -4.73 21.48 13.89
CA GLU A 250 -5.36 22.82 13.65
C GLU A 250 -6.72 22.88 12.95
N VAL A 251 -7.25 21.73 12.55
CA VAL A 251 -8.51 21.67 11.81
C VAL A 251 -9.67 21.91 12.79
N PRO A 252 -10.65 22.76 12.42
CA PRO A 252 -11.84 22.90 13.27
C PRO A 252 -12.63 21.59 13.38
N ILE A 253 -13.03 21.24 14.60
CA ILE A 253 -13.93 20.10 14.86
C ILE A 253 -15.25 20.69 15.30
N LEU A 254 -16.34 19.93 15.05
CA LEU A 254 -17.69 20.16 15.58
C LEU A 254 -18.16 18.89 16.24
N THR A 255 -18.61 18.97 17.50
CA THR A 255 -19.10 17.81 18.24
C THR A 255 -20.62 17.83 18.45
N LEU A 256 -21.29 16.74 18.11
CA LEU A 256 -22.73 16.65 18.12
C LEU A 256 -23.14 15.39 18.88
N ASP A 257 -23.85 15.60 19.97
CA ASP A 257 -24.46 14.53 20.68
C ASP A 257 -25.58 13.93 19.86
N VAL A 258 -25.49 12.63 19.55
CA VAL A 258 -26.53 11.96 18.73
C VAL A 258 -27.20 10.79 19.44
N ASN A 259 -27.34 10.96 20.76
CA ASN A 259 -27.92 9.95 21.63
C ASN A 259 -29.44 9.68 21.41
N GLU A 260 -30.24 10.66 21.01
CA GLU A 260 -31.66 10.37 20.66
C GLU A 260 -31.83 9.99 19.20
N ASP A 261 -32.83 9.15 18.93
CA ASP A 261 -33.22 8.89 17.56
C ASP A 261 -33.25 10.33 16.97
N PHE A 262 -32.52 10.61 15.88
CA PHE A 262 -32.53 11.95 15.27
C PHE A 262 -33.10 11.82 13.87
N LYS A 263 -33.66 10.67 13.56
CA LYS A 263 -34.06 10.30 12.20
C LYS A 263 -35.31 11.00 11.70
N ASP A 264 -36.23 11.29 12.63
CA ASP A 264 -37.46 11.95 12.33
C ASP A 264 -37.17 13.44 12.45
N LYS A 265 -36.21 13.77 13.32
CA LYS A 265 -36.05 15.02 14.06
C LYS A 265 -34.56 15.33 14.01
N TYR A 266 -34.13 15.79 12.85
CA TYR A 266 -32.71 16.09 12.62
C TYR A 266 -32.39 17.56 12.43
N GLU A 267 -33.41 18.41 12.49
CA GLU A 267 -33.26 19.80 12.04
C GLU A 267 -32.24 20.62 12.83
N SER A 268 -32.18 20.49 14.15
CA SER A 268 -31.20 21.26 14.94
C SER A 268 -29.73 20.83 14.70
N LEU A 269 -29.51 19.54 14.48
CA LEU A 269 -28.22 18.98 14.04
C LEU A 269 -27.77 19.61 12.72
N VAL A 270 -28.70 19.60 11.76
CA VAL A 270 -28.45 20.21 10.45
C VAL A 270 -28.11 21.70 10.59
N GLU A 271 -28.85 22.45 11.44
CA GLU A 271 -28.44 23.85 11.74
C GLU A 271 -27.03 24.00 12.33
N LYS A 272 -26.62 23.11 13.23
CA LYS A 272 -25.24 23.23 13.75
C LYS A 272 -24.21 22.99 12.63
N VAL A 273 -24.42 21.97 11.79
CA VAL A 273 -23.57 21.77 10.59
C VAL A 273 -23.48 23.07 9.77
N LYS A 274 -24.63 23.66 9.45
CA LYS A 274 -24.65 24.87 8.60
C LYS A 274 -23.88 26.08 9.14
N GLU A 275 -23.89 26.29 10.45
CA GLU A 275 -23.13 27.40 11.05
C GLU A 275 -21.61 27.09 11.00
N PHE A 276 -21.28 25.81 11.07
CA PHE A 276 -19.88 25.37 10.99
C PHE A 276 -19.32 25.63 9.56
N LEU A 277 -20.10 25.31 8.52
CA LEU A 277 -19.64 25.35 7.12
C LEU A 277 -19.31 26.73 6.60
N SER A 278 -19.95 27.75 7.17
CA SER A 278 -19.69 29.15 6.85
C SER A 278 -18.58 29.76 7.71
N THR A 279 -18.22 29.14 8.83
CA THR A 279 -16.97 29.50 9.50
C THR A 279 -15.78 28.98 8.67
N LEU A 280 -15.96 27.87 7.95
CA LEU A 280 -14.90 27.33 7.07
C LEU A 280 -14.77 28.16 5.79
N ARG B 40 13.90 11.74 -19.81
CA ARG B 40 15.28 11.77 -20.42
C ARG B 40 16.26 10.87 -19.66
N ILE B 41 16.11 10.69 -18.35
CA ILE B 41 16.88 9.65 -17.67
C ILE B 41 16.28 8.31 -18.10
N LYS B 42 17.09 7.45 -18.72
CA LYS B 42 16.63 6.14 -19.12
C LYS B 42 16.62 5.24 -17.88
N LYS B 43 15.60 4.39 -17.84
CA LYS B 43 15.33 3.51 -16.75
C LYS B 43 15.53 2.11 -17.25
N ILE B 44 16.45 1.39 -16.63
CA ILE B 44 16.78 0.07 -17.02
C ILE B 44 16.80 -0.79 -15.77
N SER B 45 16.14 -1.93 -15.85
CA SER B 45 16.02 -2.88 -14.78
C SER B 45 16.97 -4.04 -15.05
N ILE B 46 17.72 -4.43 -14.05
CA ILE B 46 18.49 -5.66 -14.08
C ILE B 46 17.79 -6.76 -13.27
N GLU B 47 17.45 -7.84 -13.95
CA GLU B 47 16.67 -8.95 -13.39
C GLU B 47 17.54 -10.19 -13.35
N GLY B 48 17.15 -11.11 -12.47
CA GLY B 48 17.87 -12.35 -12.25
C GLY B 48 17.65 -13.02 -10.89
N ASN B 49 17.72 -14.34 -10.91
CA ASN B 49 17.58 -15.17 -9.72
C ASN B 49 18.50 -14.75 -8.58
N ILE B 50 18.07 -15.13 -7.36
CA ILE B 50 18.86 -14.95 -6.16
C ILE B 50 20.30 -15.37 -6.47
N ALA B 51 21.23 -14.45 -6.18
CA ALA B 51 22.67 -14.75 -6.22
C ALA B 51 23.29 -14.92 -7.62
N ALA B 52 22.53 -14.61 -8.67
CA ALA B 52 23.00 -14.64 -10.07
C ALA B 52 24.08 -13.58 -10.38
N GLY B 53 24.33 -12.68 -9.44
CA GLY B 53 25.39 -11.67 -9.56
C GLY B 53 24.95 -10.25 -9.94
N LYS B 54 23.72 -9.89 -9.58
CA LYS B 54 23.12 -8.62 -10.06
C LYS B 54 23.76 -7.40 -9.44
N SER B 55 23.94 -7.47 -8.12
CA SER B 55 24.60 -6.46 -7.34
C SER B 55 26.07 -6.37 -7.76
N THR B 56 26.71 -7.53 -8.05
CA THR B 56 28.11 -7.46 -8.53
C THR B 56 28.11 -6.62 -9.81
N PHE B 57 27.23 -7.00 -10.75
CA PHE B 57 27.14 -6.40 -12.09
C PHE B 57 26.98 -4.88 -11.97
N VAL B 58 25.98 -4.46 -11.22
CA VAL B 58 25.47 -3.12 -11.33
C VAL B 58 26.46 -2.25 -10.58
N ASN B 59 27.19 -2.84 -9.63
CA ASN B 59 28.30 -2.16 -9.00
C ASN B 59 29.49 -1.97 -9.91
N ILE B 60 29.75 -2.93 -10.80
CA ILE B 60 30.78 -2.76 -11.81
C ILE B 60 30.34 -1.65 -12.77
N LEU B 61 29.06 -1.64 -13.12
CA LEU B 61 28.52 -0.61 -14.01
C LEU B 61 28.59 0.79 -13.40
N LYS B 62 28.25 0.92 -12.11
CA LYS B 62 28.32 2.24 -11.50
C LYS B 62 29.71 2.87 -11.66
N GLN B 63 30.74 2.04 -11.72
CA GLN B 63 32.14 2.51 -11.76
C GLN B 63 32.65 2.97 -13.14
N LEU B 64 31.92 2.68 -14.21
CA LEU B 64 32.37 2.93 -15.58
C LEU B 64 31.96 4.27 -16.15
N SER B 65 30.81 4.75 -15.71
CA SER B 65 30.31 6.00 -16.21
C SER B 65 29.96 6.90 -15.01
N GLU B 66 30.60 8.06 -14.96
CA GLU B 66 30.08 9.14 -14.13
C GLU B 66 28.60 9.37 -14.45
N ASP B 67 28.20 9.14 -15.71
CA ASP B 67 26.79 9.26 -16.19
C ASP B 67 25.84 8.07 -15.86
N TRP B 68 26.35 7.05 -15.19
CA TRP B 68 25.51 5.90 -14.79
C TRP B 68 25.33 5.79 -13.25
N GLU B 69 24.09 5.63 -12.81
CA GLU B 69 23.81 5.32 -11.41
C GLU B 69 23.03 4.02 -11.24
N VAL B 70 22.85 3.66 -10.00
CA VAL B 70 22.38 2.37 -9.55
C VAL B 70 21.29 2.57 -8.49
N VAL B 71 20.17 1.83 -8.55
CA VAL B 71 19.22 1.78 -7.42
C VAL B 71 19.24 0.35 -6.86
N PRO B 72 19.82 0.18 -5.66
CA PRO B 72 19.96 -1.18 -5.21
C PRO B 72 18.60 -1.66 -4.65
N GLU B 73 18.43 -2.97 -4.58
CA GLU B 73 17.21 -3.56 -4.04
C GLU B 73 17.14 -3.39 -2.53
N PRO B 74 16.00 -2.89 -2.00
CA PRO B 74 15.94 -2.80 -0.54
C PRO B 74 15.98 -4.12 0.18
N VAL B 75 15.28 -5.14 -0.31
CA VAL B 75 15.37 -6.42 0.40
C VAL B 75 16.85 -6.83 0.50
N ALA B 76 17.61 -6.55 -0.55
CA ALA B 76 19.03 -6.84 -0.60
C ALA B 76 19.70 -6.05 0.52
N ARG B 77 19.29 -4.80 0.69
CA ARG B 77 19.77 -3.97 1.81
C ARG B 77 19.40 -4.54 3.18
N TRP B 78 18.17 -5.06 3.31
CA TRP B 78 17.76 -5.68 4.57
C TRP B 78 18.61 -6.92 4.80
N SER B 79 19.00 -7.61 3.72
CA SER B 79 19.51 -8.99 3.83
C SER B 79 20.84 -9.18 4.57
N THR B 92 17.80 2.27 9.78
CA THR B 92 16.67 3.18 9.82
C THR B 92 15.36 2.42 10.09
N MET B 93 14.26 3.16 10.21
CA MET B 93 12.93 2.55 10.37
C MET B 93 12.64 1.48 9.31
N GLU B 94 12.88 1.80 8.05
CA GLU B 94 12.72 0.85 6.94
C GLU B 94 13.69 -0.31 7.07
N GLN B 95 14.96 0.04 7.24
CA GLN B 95 16.02 -0.92 7.45
C GLN B 95 15.72 -1.82 8.64
N LYS B 96 15.15 -1.20 9.68
CA LYS B 96 14.66 -1.89 10.88
C LYS B 96 13.43 -2.78 10.65
N ASN B 97 12.39 -2.23 9.98
CA ASN B 97 11.21 -3.01 9.63
C ASN B 97 11.55 -4.16 8.66
N GLY B 98 12.44 -3.88 7.72
CA GLY B 98 12.78 -4.86 6.69
C GLY B 98 13.49 -6.07 7.26
N GLY B 99 14.40 -5.82 8.21
CA GLY B 99 15.09 -6.90 8.93
C GLY B 99 14.15 -7.93 9.52
N ASN B 100 13.33 -7.48 10.47
CA ASN B 100 12.30 -8.33 11.08
C ASN B 100 11.40 -9.01 10.07
N VAL B 101 10.81 -8.25 9.14
CA VAL B 101 9.88 -8.86 8.21
C VAL B 101 10.61 -9.85 7.29
N LEU B 102 11.89 -9.60 6.99
CA LEU B 102 12.63 -10.60 6.24
C LEU B 102 12.89 -11.83 7.09
N GLN B 103 13.26 -11.67 8.36
CA GLN B 103 13.46 -12.82 9.22
C GLN B 103 12.13 -13.57 9.48
N MET B 104 11.03 -12.80 9.61
CA MET B 104 9.71 -13.43 9.77
CA MET B 104 9.67 -13.35 9.75
C MET B 104 9.31 -14.18 8.52
N MET B 105 9.55 -13.60 7.35
CA MET B 105 9.34 -14.30 6.08
C MET B 105 10.05 -15.67 6.02
N TYR B 106 11.31 -15.74 6.44
CA TYR B 106 12.07 -17.02 6.41
C TYR B 106 11.48 -18.10 7.31
N GLU B 107 11.04 -17.71 8.51
CA GLU B 107 10.57 -18.65 9.54
C GLU B 107 9.11 -19.07 9.37
N LYS B 108 8.29 -18.27 8.66
CA LYS B 108 6.96 -18.74 8.26
C LYS B 108 6.36 -17.93 7.12
N PRO B 109 6.66 -18.32 5.86
CA PRO B 109 6.24 -17.52 4.69
C PRO B 109 4.73 -17.45 4.44
N GLU B 110 3.99 -18.50 4.81
CA GLU B 110 2.55 -18.44 4.63
C GLU B 110 1.92 -17.36 5.52
N ARG B 111 2.54 -17.00 6.63
CA ARG B 111 2.08 -15.92 7.50
C ARG B 111 2.48 -14.50 7.00
N TRP B 112 3.71 -14.33 6.52
CA TRP B 112 4.27 -13.02 6.23
C TRP B 112 4.43 -12.63 4.77
N SER B 113 4.09 -13.52 3.84
CA SER B 113 4.26 -13.24 2.42
C SER B 113 3.59 -11.94 1.97
N PHE B 114 2.29 -11.76 2.28
CA PHE B 114 1.59 -10.48 1.96
C PHE B 114 2.26 -9.24 2.53
N THR B 115 2.59 -9.26 3.81
CA THR B 115 3.17 -8.11 4.49
C THR B 115 4.51 -7.76 3.82
N PHE B 116 5.34 -8.78 3.65
CA PHE B 116 6.66 -8.67 3.05
C PHE B 116 6.65 -8.15 1.61
N GLN B 117 5.74 -8.66 0.80
CA GLN B 117 5.65 -8.28 -0.60
C GLN B 117 5.15 -6.85 -0.77
N THR B 118 4.24 -6.42 0.11
CA THR B 118 3.76 -5.05 0.08
C THR B 118 4.87 -4.13 0.57
N TYR B 119 5.61 -4.53 1.61
CA TYR B 119 6.68 -3.66 2.09
C TYR B 119 7.90 -3.59 1.17
N ALA B 120 8.31 -4.73 0.61
CA ALA B 120 9.36 -4.76 -0.41
C ALA B 120 9.05 -3.77 -1.54
N CYS B 121 7.86 -3.89 -2.08
CA CYS B 121 7.48 -3.05 -3.22
C CYS B 121 7.47 -1.57 -2.89
N LEU B 122 6.80 -1.19 -1.81
CA LEU B 122 6.75 0.21 -1.38
C LEU B 122 8.18 0.76 -1.14
N SER B 123 9.04 -0.01 -0.48
CA SER B 123 10.43 0.35 -0.24
C SER B 123 11.20 0.52 -1.54
N ARG B 124 10.90 -0.33 -2.52
CA ARG B 124 11.45 -0.20 -3.85
C ARG B 124 10.91 1.01 -4.61
N ILE B 125 9.61 1.25 -4.53
CA ILE B 125 9.00 2.37 -5.25
C ILE B 125 9.52 3.70 -4.76
N ARG B 126 9.79 3.80 -3.46
CA ARG B 126 10.28 5.06 -2.93
C ARG B 126 11.80 5.23 -3.13
N ALA B 127 12.57 4.15 -3.24
CA ALA B 127 14.01 4.31 -3.59
C ALA B 127 14.18 4.66 -5.06
N GLN B 128 13.29 4.14 -5.92
CA GLN B 128 13.32 4.40 -7.35
C GLN B 128 12.82 5.79 -7.71
N LEU B 129 11.75 6.23 -7.04
CA LEU B 129 11.25 7.60 -7.22
C LEU B 129 12.29 8.60 -6.76
N ALA B 130 12.90 8.32 -5.61
CA ALA B 130 13.89 9.18 -4.98
C ALA B 130 15.12 9.43 -5.84
N SER B 131 15.62 8.38 -6.49
CA SER B 131 16.79 8.51 -7.35
C SER B 131 16.45 9.26 -8.63
N LEU B 132 15.26 9.12 -9.17
CA LEU B 132 14.89 9.97 -10.31
C LEU B 132 14.98 11.47 -9.94
N ASN B 133 14.58 11.81 -8.72
CA ASN B 133 14.69 13.20 -8.20
C ASN B 133 16.08 13.55 -7.72
N GLY B 134 16.81 12.55 -7.25
CA GLY B 134 18.08 12.73 -6.52
C GLY B 134 19.39 12.57 -7.27
N LYS B 135 19.55 11.48 -8.04
CA LYS B 135 20.80 11.15 -8.73
C LYS B 135 20.81 11.56 -10.22
N LEU B 136 22.02 11.82 -10.74
CA LEU B 136 22.30 12.01 -12.19
C LEU B 136 21.84 13.34 -12.83
N LYS B 137 21.85 14.41 -12.05
CA LYS B 137 21.08 15.63 -12.39
C LYS B 137 21.31 16.38 -13.74
N ASP B 138 22.54 16.80 -14.01
CA ASP B 138 22.97 17.25 -15.34
C ASP B 138 23.94 16.24 -15.93
N ALA B 139 23.39 15.29 -16.68
CA ALA B 139 24.18 14.31 -17.39
C ALA B 139 23.82 14.47 -18.84
N GLU B 140 24.75 14.14 -19.74
CA GLU B 140 24.42 14.18 -21.17
C GLU B 140 23.56 12.99 -21.50
N LYS B 141 24.01 11.79 -21.15
CA LYS B 141 23.30 10.56 -21.51
C LYS B 141 22.88 9.72 -20.28
N PRO B 142 21.96 10.25 -19.46
CA PRO B 142 21.63 9.63 -18.16
C PRO B 142 21.04 8.22 -18.19
N VAL B 143 21.65 7.29 -17.48
CA VAL B 143 21.06 5.95 -17.27
C VAL B 143 21.06 5.57 -15.78
N LEU B 144 19.85 5.29 -15.27
CA LEU B 144 19.69 4.75 -13.93
C LEU B 144 19.35 3.25 -14.05
N PHE B 145 20.21 2.40 -13.49
CA PHE B 145 19.99 0.96 -13.45
C PHE B 145 19.31 0.50 -12.17
N PHE B 146 18.21 -0.21 -12.30
CA PHE B 146 17.47 -0.67 -11.12
C PHE B 146 17.86 -2.11 -10.81
N GLU B 147 18.20 -2.38 -9.56
CA GLU B 147 18.38 -3.75 -9.11
C GLU B 147 16.96 -4.30 -8.88
N ARG B 148 16.46 -5.00 -9.89
CA ARG B 148 15.10 -5.53 -10.00
C ARG B 148 14.03 -4.44 -10.02
N SER B 149 12.79 -4.86 -10.23
CA SER B 149 11.71 -3.96 -10.55
C SER B 149 10.38 -4.27 -9.85
N VAL B 150 9.47 -3.30 -9.93
CA VAL B 150 8.12 -3.46 -9.51
C VAL B 150 7.46 -4.63 -10.25
N TYR B 151 7.87 -4.91 -11.50
CA TYR B 151 7.33 -6.05 -12.26
C TYR B 151 7.84 -7.38 -11.74
N SER B 152 9.13 -7.48 -11.48
CA SER B 152 9.64 -8.69 -10.83
C SER B 152 9.03 -8.87 -9.44
N ASP B 153 8.82 -7.77 -8.72
CA ASP B 153 8.19 -7.86 -7.43
C ASP B 153 6.91 -8.69 -7.54
N ARG B 154 6.06 -8.38 -8.53
CA ARG B 154 4.73 -8.96 -8.64
C ARG B 154 4.61 -10.22 -9.51
N TYR B 155 5.24 -10.23 -10.69
CA TYR B 155 5.00 -11.29 -11.70
C TYR B 155 6.00 -12.45 -11.65
N ILE B 156 7.05 -12.27 -10.87
CA ILE B 156 7.99 -13.34 -10.51
C ILE B 156 7.85 -13.81 -9.06
N PHE B 157 8.05 -12.91 -8.11
CA PHE B 157 8.16 -13.30 -6.70
C PHE B 157 6.76 -13.47 -6.06
N ALA B 158 5.91 -12.45 -6.11
CA ALA B 158 4.56 -12.54 -5.50
C ALA B 158 3.68 -13.56 -6.21
N SER B 159 3.79 -13.66 -7.54
CA SER B 159 3.11 -14.75 -8.28
C SER B 159 3.56 -16.13 -7.80
N ASN B 160 4.87 -16.33 -7.72
CA ASN B 160 5.40 -17.62 -7.23
C ASN B 160 4.92 -18.00 -5.84
N LEU B 161 4.97 -17.05 -4.91
CA LEU B 161 4.48 -17.26 -3.52
C LEU B 161 3.02 -17.68 -3.47
N TYR B 162 2.21 -17.16 -4.40
CA TYR B 162 0.82 -17.51 -4.50
C TYR B 162 0.70 -18.96 -4.95
N GLU B 163 1.50 -19.31 -5.95
CA GLU B 163 1.49 -20.64 -6.57
C GLU B 163 1.92 -21.73 -5.59
N SER B 164 2.79 -21.38 -4.67
CA SER B 164 3.24 -22.27 -3.61
C SER B 164 2.38 -22.10 -2.36
N GLU B 165 1.21 -21.51 -2.54
CA GLU B 165 0.17 -21.49 -1.49
C GLU B 165 0.51 -20.68 -0.25
N SER B 166 1.58 -19.89 -0.30
CA SER B 166 1.96 -19.02 0.80
C SER B 166 1.10 -17.73 0.81
N MET B 167 0.34 -17.47 -0.25
CA MET B 167 -0.74 -16.48 -0.19
C MET B 167 -2.06 -17.06 -0.74
N ASN B 168 -3.15 -16.84 -0.02
CA ASN B 168 -4.45 -17.28 -0.50
C ASN B 168 -4.93 -16.31 -1.60
N GLU B 169 -6.06 -16.64 -2.25
CA GLU B 169 -6.59 -15.80 -3.34
C GLU B 169 -6.81 -14.37 -2.90
N THR B 170 -7.48 -14.22 -1.76
CA THR B 170 -7.84 -12.90 -1.24
C THR B 170 -6.54 -12.11 -1.19
N GLU B 171 -5.49 -12.68 -0.56
CA GLU B 171 -4.17 -12.04 -0.51
C GLU B 171 -3.58 -11.62 -1.84
N TRP B 172 -3.71 -12.49 -2.85
CA TRP B 172 -3.12 -12.26 -4.17
C TRP B 172 -3.82 -11.13 -4.91
N THR B 173 -5.15 -11.14 -4.96
CA THR B 173 -5.88 -10.04 -5.66
C THR B 173 -5.97 -8.74 -4.85
N ILE B 174 -5.70 -8.77 -3.55
CA ILE B 174 -5.58 -7.55 -2.77
C ILE B 174 -4.24 -6.95 -3.20
N TYR B 175 -3.20 -7.77 -3.20
CA TYR B 175 -1.85 -7.33 -3.59
C TYR B 175 -1.84 -6.79 -5.00
N GLN B 176 -2.43 -7.51 -5.94
CA GLN B 176 -2.52 -7.09 -7.33
C GLN B 176 -3.29 -5.81 -7.52
N ASP B 177 -4.46 -5.76 -6.88
CA ASP B 177 -5.26 -4.52 -6.83
C ASP B 177 -4.39 -3.35 -6.32
N TRP B 178 -3.72 -3.52 -5.21
CA TRP B 178 -2.89 -2.43 -4.67
C TRP B 178 -1.74 -2.06 -5.62
N HIS B 179 -1.08 -3.08 -6.16
CA HIS B 179 0.07 -2.90 -7.05
C HIS B 179 -0.36 -2.21 -8.33
N ASP B 180 -1.56 -2.51 -8.83
CA ASP B 180 -2.09 -1.87 -10.05
C ASP B 180 -2.64 -0.47 -10.02
N TRP B 181 -3.31 -0.11 -8.94
CA TRP B 181 -3.92 1.20 -8.81
C TRP B 181 -2.73 2.14 -8.84
N MET B 182 -1.82 1.87 -7.91
CA MET B 182 -0.63 2.67 -7.64
C MET B 182 0.39 2.75 -8.80
N ASN B 183 0.64 1.63 -9.46
CA ASN B 183 1.54 1.58 -10.62
C ASN B 183 0.83 2.03 -11.89
N ASN B 184 -0.40 2.50 -11.74
CA ASN B 184 -1.03 3.32 -12.76
C ASN B 184 -1.31 4.73 -12.23
N GLN B 185 -0.54 5.16 -11.23
CA GLN B 185 -0.56 6.54 -10.77
C GLN B 185 0.63 7.35 -11.24
N PHE B 186 1.73 6.71 -11.63
CA PHE B 186 2.95 7.44 -12.01
C PHE B 186 3.16 7.61 -13.49
N GLY B 187 2.10 7.65 -14.26
CA GLY B 187 2.15 7.99 -15.65
C GLY B 187 3.32 7.16 -16.10
N GLN B 188 4.25 7.81 -16.78
CA GLN B 188 5.32 7.06 -17.43
C GLN B 188 6.61 7.18 -16.66
N SER B 189 6.54 7.48 -15.38
CA SER B 189 7.72 7.95 -14.69
C SER B 189 8.60 6.83 -14.19
N LEU B 190 8.01 5.70 -13.83
CA LEU B 190 8.81 4.52 -13.54
C LEU B 190 8.88 3.55 -14.71
N GLU B 191 8.06 3.75 -15.73
CA GLU B 191 7.98 2.78 -16.83
C GLU B 191 9.39 2.56 -17.43
N LEU B 192 9.71 1.32 -17.86
CA LEU B 192 11.10 0.96 -18.26
C LEU B 192 11.38 1.19 -19.73
N ASP B 193 12.58 1.72 -19.99
CA ASP B 193 13.15 1.89 -21.33
C ASP B 193 13.70 0.59 -21.85
N GLY B 194 14.16 -0.28 -20.94
CA GLY B 194 14.50 -1.65 -21.28
C GLY B 194 14.90 -2.48 -20.07
N ILE B 195 15.16 -3.75 -20.34
CA ILE B 195 15.46 -4.71 -19.30
C ILE B 195 16.68 -5.50 -19.66
N ILE B 196 17.54 -5.66 -18.66
CA ILE B 196 18.68 -6.54 -18.77
C ILE B 196 18.41 -7.77 -17.89
N TYR B 197 18.23 -8.89 -18.55
CA TYR B 197 17.96 -10.18 -17.89
C TYR B 197 19.26 -10.90 -17.66
N LEU B 198 19.69 -10.97 -16.42
CA LEU B 198 20.87 -11.76 -16.11
C LEU B 198 20.45 -13.24 -15.98
N GLN B 199 20.58 -13.96 -17.10
CA GLN B 199 20.32 -15.39 -17.17
C GLN B 199 21.47 -16.28 -16.62
N ALA B 200 21.09 -17.28 -15.82
CA ALA B 200 22.03 -18.21 -15.14
C ALA B 200 21.31 -19.50 -14.72
N THR B 201 22.07 -20.52 -14.26
CA THR B 201 21.51 -21.79 -13.69
C THR B 201 21.33 -21.78 -12.18
N PRO B 202 20.38 -22.58 -11.67
CA PRO B 202 20.22 -22.62 -10.23
C PRO B 202 21.45 -23.13 -9.42
N GLU B 203 22.19 -24.10 -9.95
CA GLU B 203 23.38 -24.60 -9.25
C GLU B 203 24.45 -23.52 -9.23
N THR B 204 24.57 -22.74 -10.29
CA THR B 204 25.48 -21.58 -10.19
C THR B 204 25.01 -20.69 -9.05
N CYS B 205 23.73 -20.33 -9.12
CA CYS B 205 23.06 -19.54 -8.08
C CYS B 205 23.14 -20.15 -6.69
N LEU B 206 22.99 -21.47 -6.59
CA LEU B 206 23.08 -22.15 -5.29
C LEU B 206 24.51 -22.09 -4.79
N HIS B 207 25.44 -22.29 -5.71
CA HIS B 207 26.85 -22.15 -5.38
C HIS B 207 27.13 -20.74 -4.86
N ARG B 208 26.55 -19.75 -5.54
CA ARG B 208 26.78 -18.34 -5.20
C ARG B 208 26.17 -17.88 -3.88
N ILE B 209 25.17 -18.63 -3.34
CA ILE B 209 24.65 -18.36 -1.99
C ILE B 209 25.68 -18.76 -0.89
N TYR B 210 26.33 -19.90 -1.05
CA TYR B 210 27.34 -20.37 -0.09
C TYR B 210 28.50 -19.40 -0.03
N LEU B 211 29.04 -19.12 -1.21
CA LEU B 211 30.19 -18.21 -1.34
C LEU B 211 29.88 -16.86 -0.70
N ARG B 212 28.68 -16.34 -0.96
CA ARG B 212 28.24 -15.03 -0.43
C ARG B 212 28.22 -15.07 1.08
N GLY B 213 27.59 -16.10 1.64
CA GLY B 213 27.77 -16.39 3.06
C GLY B 213 26.88 -15.66 4.04
N ARG B 214 25.68 -15.28 3.59
CA ARG B 214 24.58 -14.85 4.47
C ARG B 214 23.95 -16.09 5.15
N ASN B 215 24.18 -16.24 6.46
CA ASN B 215 23.84 -17.52 7.10
C ASN B 215 22.34 -17.83 7.07
N GLU B 216 21.53 -16.78 7.23
CA GLU B 216 20.08 -16.90 7.12
C GLU B 216 19.63 -17.43 5.74
N GLU B 217 20.47 -17.33 4.70
CA GLU B 217 20.18 -17.85 3.33
C GLU B 217 20.75 -19.27 3.05
N GLN B 218 21.60 -19.76 3.95
CA GLN B 218 22.28 -21.05 3.75
C GLN B 218 21.35 -22.26 3.80
N GLY B 219 20.07 -22.04 4.07
CA GLY B 219 19.05 -23.08 3.92
C GLY B 219 18.28 -23.08 2.60
N ILE B 220 18.45 -22.04 1.80
CA ILE B 220 17.59 -21.90 0.61
C ILE B 220 17.89 -23.08 -0.30
N PRO B 221 16.88 -23.94 -0.55
CA PRO B 221 17.12 -25.18 -1.26
C PRO B 221 17.17 -24.94 -2.75
N LEU B 222 17.69 -25.92 -3.48
CA LEU B 222 17.79 -25.86 -4.94
C LEU B 222 16.42 -25.64 -5.59
N GLU B 223 15.42 -26.42 -5.19
CA GLU B 223 14.09 -26.40 -5.84
C GLU B 223 13.34 -25.05 -5.84
N TYR B 224 13.56 -24.25 -4.80
CA TYR B 224 12.99 -22.89 -4.79
C TYR B 224 13.68 -22.10 -5.87
N LEU B 225 15.00 -21.96 -5.75
CA LEU B 225 15.86 -21.38 -6.81
C LEU B 225 15.43 -21.88 -8.19
N GLU B 226 15.12 -23.18 -8.29
CA GLU B 226 14.65 -23.82 -9.55
C GLU B 226 13.27 -23.27 -9.95
N LYS B 227 12.39 -23.07 -8.98
CA LYS B 227 11.08 -22.44 -9.27
C LYS B 227 11.27 -21.02 -9.81
N LEU B 228 12.10 -20.23 -9.12
CA LEU B 228 12.30 -18.81 -9.51
C LEU B 228 12.74 -18.69 -10.96
N HIS B 229 13.58 -19.63 -11.39
CA HIS B 229 14.19 -19.59 -12.73
C HIS B 229 13.23 -19.77 -13.87
N TYR B 230 12.44 -20.83 -13.76
CA TYR B 230 11.39 -21.04 -14.72
C TYR B 230 10.58 -19.77 -14.87
N LYS B 231 10.23 -19.12 -13.75
CA LYS B 231 9.41 -17.88 -13.78
C LYS B 231 10.15 -16.74 -14.50
N HIS B 232 11.44 -16.60 -14.20
CA HIS B 232 12.32 -15.67 -14.93
C HIS B 232 12.38 -16.02 -16.41
N GLU B 233 12.62 -17.29 -16.70
CA GLU B 233 12.80 -17.77 -18.08
C GLU B 233 11.49 -17.67 -18.86
N SER B 234 10.39 -17.95 -18.17
CA SER B 234 9.07 -17.84 -18.73
C SER B 234 8.69 -16.40 -19.07
N TRP B 235 9.02 -15.44 -18.18
CA TRP B 235 8.72 -14.02 -18.40
C TRP B 235 9.71 -13.32 -19.33
N LEU B 236 11.00 -13.55 -19.11
CA LEU B 236 12.05 -12.76 -19.78
C LEU B 236 12.63 -13.41 -21.03
N LEU B 237 12.64 -14.75 -21.11
CA LEU B 237 13.35 -15.47 -22.17
C LEU B 237 12.45 -15.91 -23.29
N HIS B 238 11.48 -16.77 -22.97
CA HIS B 238 10.50 -17.25 -23.95
C HIS B 238 9.36 -16.24 -24.09
N ARG B 239 9.36 -15.22 -23.23
CA ARG B 239 8.44 -14.07 -23.37
C ARG B 239 6.96 -14.45 -23.50
N THR B 240 6.53 -15.39 -22.64
CA THR B 240 5.18 -15.97 -22.69
C THR B 240 4.30 -15.62 -21.49
N LEU B 241 4.48 -14.43 -20.93
CA LEU B 241 3.75 -14.06 -19.71
C LEU B 241 3.31 -12.62 -19.80
N LYS B 242 2.08 -12.43 -20.27
CA LYS B 242 1.46 -11.13 -20.36
C LYS B 242 1.16 -10.62 -18.96
N THR B 243 1.52 -9.37 -18.73
CA THR B 243 1.21 -8.68 -17.50
C THR B 243 -0.14 -7.96 -17.67
N ASN B 244 -0.42 -7.02 -16.80
CA ASN B 244 -1.52 -6.08 -16.96
C ASN B 244 -0.95 -4.68 -17.23
N PHE B 245 0.29 -4.63 -17.73
CA PHE B 245 0.93 -3.35 -18.05
C PHE B 245 1.13 -3.22 -19.57
N ASP B 246 0.74 -2.07 -20.13
CA ASP B 246 0.58 -1.95 -21.60
C ASP B 246 1.92 -2.03 -22.34
N TYR B 247 2.81 -1.10 -22.00
CA TYR B 247 4.06 -0.90 -22.75
C TYR B 247 5.08 -2.06 -22.69
N LEU B 248 4.95 -2.96 -21.71
CA LEU B 248 5.93 -4.05 -21.50
C LEU B 248 6.00 -5.03 -22.66
N GLN B 249 5.01 -4.99 -23.56
CA GLN B 249 5.08 -5.76 -24.80
C GLN B 249 6.20 -5.21 -25.70
N GLU B 250 6.30 -3.87 -25.79
CA GLU B 250 7.29 -3.21 -26.67
C GLU B 250 8.57 -2.77 -25.95
N VAL B 251 9.10 -3.66 -25.08
CA VAL B 251 10.17 -3.33 -24.12
C VAL B 251 11.41 -4.23 -24.37
N PRO B 252 12.52 -3.65 -24.84
CA PRO B 252 13.58 -4.54 -25.28
C PRO B 252 14.27 -5.26 -24.13
N ILE B 253 14.86 -6.41 -24.44
CA ILE B 253 15.39 -7.30 -23.43
C ILE B 253 16.74 -7.81 -23.88
N LEU B 254 17.74 -7.59 -23.04
CA LEU B 254 19.06 -8.10 -23.26
C LEU B 254 19.26 -9.19 -22.27
N THR B 255 19.62 -10.38 -22.73
CA THR B 255 19.97 -11.49 -21.85
C THR B 255 21.47 -11.71 -21.87
N LEU B 256 22.05 -11.88 -20.70
CA LEU B 256 23.49 -12.04 -20.55
C LEU B 256 23.84 -13.25 -19.69
N ASP B 257 24.71 -14.12 -20.21
CA ASP B 257 25.07 -15.33 -19.48
C ASP B 257 26.09 -15.04 -18.37
N VAL B 258 25.69 -15.25 -17.12
CA VAL B 258 26.57 -14.92 -15.98
C VAL B 258 27.01 -16.18 -15.23
N ASN B 259 26.87 -17.34 -15.89
CA ASN B 259 27.38 -18.60 -15.34
C ASN B 259 28.90 -18.64 -15.28
N GLU B 260 29.57 -18.22 -16.34
CA GLU B 260 31.01 -17.97 -16.21
C GLU B 260 31.23 -16.78 -15.27
N ASP B 261 32.21 -16.85 -14.36
CA ASP B 261 32.59 -15.72 -13.46
C ASP B 261 33.02 -14.42 -14.17
N PHE B 262 32.62 -13.26 -13.64
CA PHE B 262 32.85 -12.03 -14.39
C PHE B 262 33.48 -10.83 -13.64
N LYS B 263 33.85 -10.99 -12.37
CA LYS B 263 34.47 -9.88 -11.60
C LYS B 263 35.73 -9.28 -12.28
N ASP B 264 36.37 -10.07 -13.14
CA ASP B 264 37.58 -9.66 -13.84
C ASP B 264 37.49 -9.86 -15.33
N LYS B 265 36.30 -10.11 -15.85
CA LYS B 265 36.16 -10.42 -17.28
C LYS B 265 34.78 -10.01 -17.77
N TYR B 266 34.52 -8.72 -17.65
CA TYR B 266 33.20 -8.19 -17.94
C TYR B 266 33.08 -7.34 -19.19
N GLU B 267 34.17 -7.17 -19.91
CA GLU B 267 34.13 -6.17 -20.97
C GLU B 267 33.10 -6.53 -22.01
N SER B 268 33.04 -7.83 -22.29
CA SER B 268 32.16 -8.33 -23.30
C SER B 268 30.69 -8.14 -22.90
N LEU B 269 30.38 -8.41 -21.63
CA LEU B 269 29.04 -8.16 -21.08
C LEU B 269 28.67 -6.68 -21.16
N VAL B 270 29.62 -5.82 -20.77
CA VAL B 270 29.39 -4.39 -20.76
C VAL B 270 29.25 -3.87 -22.19
N GLU B 271 30.08 -4.38 -23.11
CA GLU B 271 29.94 -4.05 -24.50
C GLU B 271 28.53 -4.29 -24.97
N LYS B 272 27.93 -5.39 -24.54
CA LYS B 272 26.53 -5.64 -24.87
C LYS B 272 25.57 -4.60 -24.29
N VAL B 273 25.81 -4.19 -23.05
CA VAL B 273 24.95 -3.18 -22.43
C VAL B 273 25.03 -1.86 -23.20
N LYS B 274 26.21 -1.46 -23.64
CA LYS B 274 26.32 -0.18 -24.36
C LYS B 274 25.75 -0.28 -25.76
N GLU B 275 25.99 -1.42 -26.41
CA GLU B 275 25.37 -1.76 -27.69
C GLU B 275 23.85 -1.65 -27.56
N PHE B 276 23.30 -2.40 -26.60
CA PHE B 276 21.89 -2.39 -26.27
C PHE B 276 21.38 -0.97 -25.94
N LEU B 277 22.09 -0.21 -25.12
CA LEU B 277 21.63 1.14 -24.75
C LEU B 277 21.49 2.09 -25.95
N SER B 278 22.32 1.90 -26.98
CA SER B 278 22.25 2.75 -28.18
C SER B 278 21.09 2.45 -29.12
N THR B 279 20.38 1.33 -28.91
CA THR B 279 19.15 1.02 -29.65
C THR B 279 17.90 1.62 -28.98
N LEU B 280 18.06 2.47 -27.97
CA LEU B 280 16.92 3.00 -27.22
C LEU B 280 17.16 4.43 -26.72
OAE 2XM C . -8.38 -6.02 18.76
CAL 2XM C . -9.13 -7.24 18.51
CAN 2XM C . -10.22 -6.95 17.49
OAU 2XM C . -11.33 -7.83 17.74
CBC 2XM C . -12.24 -7.93 16.72
CAI 2XM C . -12.50 -6.89 15.83
CBB 2XM C . -12.95 -9.13 16.63
OAT 2XM C . -12.62 -10.08 17.55
CAM 2XM C . -13.51 -11.16 17.72
CAK 2XM C . -12.56 -12.34 17.52
OAD 2XM C . -11.58 -12.37 18.57
CAG 2XM C . -13.89 -9.29 15.64
CAF 2XM C . -14.13 -8.24 14.76
CAZ 2XM C . -13.43 -7.05 14.84
CBF 2XM C . -13.70 -6.03 13.98
NAS 2XM C . -13.29 -4.80 14.18
SAW 2XM C . -14.57 -6.08 12.61
CBE 2XM C . -14.42 -4.51 12.29
CAO 2XM C . -15.06 -3.87 11.10
CAJ 2XM C . -16.26 -3.23 11.79
CAA 2XM C . -17.30 -2.81 10.77
CBD 2XM C . -13.67 -3.95 13.24
CAP 2XM C . -13.27 -2.49 13.32
SAV 2XM C . -11.64 -2.14 12.49
C2 2XM C . -11.94 -0.94 11.25
N3 2XM C . -10.90 -0.41 10.60
N1 2XM C . -13.18 -0.60 10.95
C6 2XM C . -13.41 0.32 9.97
NAB 2XM C . -14.67 0.64 9.67
C5 2XM C . -12.36 0.91 9.31
C4 2XM C . -11.08 0.52 9.65
NAC 2XM C . -10.00 1.06 9.07
N1 UDP D . -30.37 4.58 13.79
C2 UDP D . -31.65 5.01 14.23
N3 UDP D . -31.82 6.25 14.70
C4 UDP D . -30.80 7.10 14.78
C5 UDP D . -29.52 6.72 14.37
C6 UDP D . -29.33 5.42 13.87
O2 UDP D . -32.64 4.25 14.17
O4 UDP D . -30.99 8.24 15.24
C1' UDP D . -30.22 3.21 13.28
C2' UDP D . -30.00 3.08 11.79
O2' UDP D . -31.23 2.99 11.04
C3' UDP D . -29.19 1.80 11.68
C4' UDP D . -28.43 1.74 13.01
O4' UDP D . -29.10 2.62 13.93
O3' UDP D . -30.10 0.68 11.49
C5' UDP D . -27.00 2.25 12.96
O5' UDP D . -26.93 3.53 12.29
PA UDP D . -25.88 3.84 11.08
O1A UDP D . -25.91 2.62 10.20
O2A UDP D . -26.18 5.21 10.49
O3A UDP D . -24.51 3.91 11.92
PB UDP D . -23.00 4.05 11.39
O1B UDP D . -23.09 4.55 9.98
O2B UDP D . -22.48 2.61 11.45
O3B UDP D . -22.41 5.03 12.32
OAE 2XM E . 7.61 -21.23 -1.69
CAL 2XM E . 7.53 -21.12 -0.28
CAN 2XM E . 8.32 -19.87 0.14
OAU 2XM E . 9.49 -20.35 0.75
CBC 2XM E . 10.35 -19.43 1.32
CAI 2XM E . 10.71 -18.21 0.75
CBB 2XM E . 10.85 -19.83 2.53
OAT 2XM E . 10.42 -21.04 2.97
CAM 2XM E . 10.56 -21.35 4.34
CAK 2XM E . 10.58 -22.89 4.30
OAD 2XM E . 9.71 -23.28 3.22
CAG 2XM E . 11.76 -19.04 3.21
CAF 2XM E . 12.14 -17.82 2.66
CAZ 2XM E . 11.62 -17.40 1.44
CBF 2XM E . 12.05 -16.25 0.92
NAS 2XM E . 11.89 -15.94 -0.33
SAW 2XM E . 12.95 -15.12 1.65
CBE 2XM E . 13.05 -14.13 0.28
CAO 2XM E . 13.72 -12.80 0.21
CAJ 2XM E . 15.15 -13.03 -0.20
CAA 2XM E . 15.93 -13.32 1.08
CBD 2XM E . 12.40 -14.76 -0.70
CAP 2XM E . 12.25 -14.26 -2.09
SAV 2XM E . 10.65 -13.34 -2.18
C2 2XM E . 11.10 -11.79 -2.79
N3 2XM E . 10.15 -10.88 -3.15
N1 2XM E . 12.39 -11.50 -2.90
C6 2XM E . 12.79 -10.32 -3.38
NAB 2XM E . 14.10 -10.10 -3.46
C5 2XM E . 11.83 -9.37 -3.77
C4 2XM E . 10.47 -9.69 -3.64
NAC 2XM E . 9.49 -8.87 -4.03
N1 UDP F . 29.84 -13.98 -7.68
C2 UDP F . 31.14 -14.37 -8.09
N3 UDP F . 31.51 -14.14 -9.36
C4 UDP F . 30.68 -13.54 -10.21
C5 UDP F . 29.41 -13.14 -9.81
C6 UDP F . 29.00 -13.37 -8.52
O2 UDP F . 31.92 -14.90 -7.29
O4 UDP F . 31.03 -13.35 -11.38
C1' UDP F . 29.44 -14.17 -6.32
C2' UDP F . 29.49 -12.83 -5.62
O2' UDP F . 30.80 -12.50 -5.13
C3' UDP F . 28.49 -13.01 -4.51
C4' UDP F . 27.54 -14.08 -5.04
O4' UDP F . 28.09 -14.62 -6.25
O3' UDP F . 29.14 -13.42 -3.28
C5' UDP F . 26.17 -13.54 -5.36
O5' UDP F . 26.27 -12.40 -6.20
PA UDP F . 25.39 -11.08 -5.88
O1A UDP F . 25.47 -10.74 -4.42
O2A UDP F . 25.69 -10.01 -6.91
O3A UDP F . 23.98 -11.72 -6.23
PB UDP F . 22.56 -11.09 -6.62
O1B UDP F . 22.76 -9.64 -6.42
O2B UDP F . 21.69 -11.77 -5.58
O3B UDP F . 22.17 -11.45 -8.00
#